data_5HI2
#
_entry.id   5HI2
#
_cell.length_a   49.625
_cell.length_b   114.920
_cell.length_c   101.544
_cell.angle_alpha   90.00
_cell.angle_beta   90.00
_cell.angle_gamma   90.00
#
_symmetry.space_group_name_H-M   'C 2 2 21'
#
loop_
_entity.id
_entity.type
_entity.pdbx_description
1 polymer 'Serine/threonine-protein kinase B-raf'
2 non-polymer 4-{4-[({[4-CHLORO-3-(TRIFLUOROMETHYL)PHENYL]AMINO}CARBONYL)AMINO]PHENOXY}-N-METHYLPYRIDINE-2-CARBOXAMIDE
3 water water
#
_entity_poly.entity_id   1
_entity_poly.type   'polypeptide(L)'
_entity_poly.pdbx_seq_one_letter_code
;MHHHHHGSRDSSDDWEIPDGQITVGQRIGSGSFGTVYKGKWHGDVAVKMLTPQQLQAFKNEVGVLRKTRHVNILLFMGYS
TKPQLAIVTQWCEGSSLYHHLHASETKFEMKKLIDIARQTARGMDYLHAKSIIHRDLKSNNIFLHEDNTVKIGDFGLATV
KSRWSGSHQFEQLSGSILWMAPEVIRMQDSNPYSFQSDVYAFGIVLYELMTGQLPYSNINNRDQIIEMVGRGSLSPDLSK
VRSNCPKRMKRLMAECLKKKRDERPSFPRILAEIEELARELSG
;
_entity_poly.pdbx_strand_id   A
#
loop_
_chem_comp.id
_chem_comp.type
_chem_comp.name
_chem_comp.formula
BAX non-polymer 4-{4-[({[4-CHLORO-3-(TRIFLUOROMETHYL)PHENYL]AMINO}CARBONYL)AMINO]PHENOXY}-N-METHYLPYRIDINE-2-CARBOXAMIDE 'C21 H16 Cl F3 N4 O3'
#
# COMPACT_ATOMS: atom_id res chain seq x y z
N ASP A 14 -25.55 4.48 10.31
CA ASP A 14 -24.33 4.49 11.12
C ASP A 14 -23.69 3.10 11.25
N TRP A 15 -22.37 3.10 11.41
CA TRP A 15 -21.60 1.86 11.41
C TRP A 15 -20.98 1.56 12.75
N GLU A 16 -21.55 2.10 13.83
CA GLU A 16 -21.06 1.77 15.15
C GLU A 16 -21.50 0.37 15.55
N ILE A 17 -20.59 -0.36 16.16
CA ILE A 17 -20.87 -1.70 16.62
C ILE A 17 -20.87 -1.73 18.14
N PRO A 18 -22.07 -1.91 18.73
CA PRO A 18 -22.33 -1.87 20.18
C PRO A 18 -21.48 -2.85 20.95
N ASP A 19 -21.14 -2.52 22.19
CA ASP A 19 -20.24 -3.36 22.98
C ASP A 19 -20.82 -4.73 23.19
N GLY A 20 -19.98 -5.75 23.13
CA GLY A 20 -20.45 -7.10 23.40
C GLY A 20 -20.69 -7.93 22.17
N GLN A 21 -20.68 -7.29 21.00
CA GLN A 21 -20.97 -8.02 19.76
C GLN A 21 -19.76 -8.70 19.15
N ILE A 22 -18.59 -8.06 19.23
CA ILE A 22 -17.38 -8.64 18.66
C ILE A 22 -16.70 -9.52 19.67
N THR A 23 -16.38 -10.75 19.28
CA THR A 23 -15.55 -11.60 20.13
C THR A 23 -14.11 -11.44 19.68
N VAL A 24 -13.29 -10.92 20.58
CA VAL A 24 -11.90 -10.60 20.25
C VAL A 24 -11.02 -11.80 20.49
N GLY A 25 -10.38 -12.31 19.44
CA GLY A 25 -9.49 -13.45 19.59
C GLY A 25 -8.01 -13.14 19.62
N GLN A 26 -7.27 -13.87 18.80
CA GLN A 26 -5.82 -13.87 18.84
C GLN A 26 -5.18 -12.48 18.54
N ARG A 27 -4.30 -12.03 19.42
CA ARG A 27 -3.53 -10.80 19.19
C ARG A 27 -2.61 -11.03 18.00
N ILE A 28 -2.69 -10.16 17.02
CA ILE A 28 -2.08 -10.39 15.70
C ILE A 28 -0.78 -9.62 15.52
N GLY A 29 -0.72 -8.42 16.08
CA GLY A 29 0.50 -7.63 16.05
C GLY A 29 0.28 -6.35 16.83
N SER A 30 1.35 -5.71 17.25
CA SER A 30 1.21 -4.54 18.10
C SER A 30 2.26 -3.47 17.86
N GLY A 31 1.87 -2.21 18.00
CA GLY A 31 2.77 -1.09 17.73
C GLY A 31 2.50 0.17 18.53
N SER A 32 3.21 1.23 18.20
CA SER A 32 3.08 2.48 18.92
C SER A 32 1.68 3.04 18.74
N PHE A 33 1.06 2.70 17.62
CA PHE A 33 -0.25 3.26 17.27
C PHE A 33 -1.28 2.16 17.04
N GLY A 34 -1.53 1.35 18.06
CA GLY A 34 -2.60 0.38 17.95
C GLY A 34 -2.20 -1.08 18.00
N THR A 35 -3.18 -1.91 18.35
CA THR A 35 -3.00 -3.34 18.47
C THR A 35 -4.11 -4.02 17.69
N VAL A 36 -3.74 -4.98 16.86
CA VAL A 36 -4.70 -5.61 15.98
C VAL A 36 -4.99 -7.04 16.43
N TYR A 37 -6.27 -7.40 16.49
CA TYR A 37 -6.66 -8.76 16.81
C TYR A 37 -7.49 -9.37 15.70
N LYS A 38 -7.42 -10.69 15.59
CA LYS A 38 -8.36 -11.45 14.81
C LYS A 38 -9.66 -11.47 15.61
N GLY A 39 -10.80 -11.37 14.93
CA GLY A 39 -12.08 -11.35 15.63
C GLY A 39 -13.21 -12.16 15.03
N LYS A 40 -14.27 -12.30 15.82
CA LYS A 40 -15.50 -12.86 15.33
C LYS A 40 -16.62 -11.84 15.48
N TRP A 41 -17.21 -11.49 14.34
CA TRP A 41 -18.39 -10.67 14.25
C TRP A 41 -19.05 -10.96 12.89
N HIS A 42 -20.03 -11.88 12.93
CA HIS A 42 -20.70 -12.42 11.74
C HIS A 42 -19.70 -13.02 10.77
N GLY A 43 -18.67 -13.66 11.33
CA GLY A 43 -17.61 -14.27 10.55
C GLY A 43 -16.32 -13.60 10.96
N ASP A 44 -15.26 -13.85 10.20
CA ASP A 44 -13.96 -13.32 10.53
C ASP A 44 -13.83 -11.83 10.29
N VAL A 45 -13.29 -11.11 11.27
CA VAL A 45 -12.89 -9.73 11.05
C VAL A 45 -11.48 -9.47 11.61
N ALA A 46 -10.96 -8.30 11.31
CA ALA A 46 -9.82 -7.81 12.05
C ALA A 46 -10.32 -6.69 12.97
N VAL A 47 -9.74 -6.60 14.17
CA VAL A 47 -10.09 -5.54 15.10
C VAL A 47 -8.85 -4.76 15.52
N LYS A 48 -8.88 -3.47 15.30
CA LYS A 48 -7.73 -2.65 15.63
C LYS A 48 -8.06 -1.75 16.81
N MET A 49 -7.37 -2.00 17.92
CA MET A 49 -7.62 -1.28 19.16
C MET A 49 -6.75 -0.06 19.22
N LEU A 50 -7.34 1.06 19.62
CA LEU A 50 -6.60 2.29 19.86
C LEU A 50 -6.85 2.79 21.29
N THR A 51 -5.82 3.35 21.91
CA THR A 51 -5.93 3.87 23.28
C THR A 51 -6.83 5.12 23.34
N PRO A 52 -7.34 5.46 24.54
CA PRO A 52 -8.29 6.57 24.58
C PRO A 52 -7.63 7.89 24.21
N GLN A 53 -6.34 7.99 24.44
CA GLN A 53 -5.64 9.22 24.13
C GLN A 53 -5.52 9.45 22.63
N GLN A 54 -5.56 8.37 21.85
CA GLN A 54 -5.46 8.53 20.40
C GLN A 54 -6.82 8.58 19.71
N LEU A 55 -7.73 9.36 20.29
CA LEU A 55 -9.05 9.56 19.70
C LEU A 55 -8.98 10.17 18.30
N GLN A 56 -8.24 11.27 18.18
CA GLN A 56 -8.12 11.94 16.88
C GLN A 56 -7.68 10.99 15.77
N ALA A 57 -6.66 10.18 16.05
CA ALA A 57 -6.19 9.19 15.08
C ALA A 57 -7.35 8.32 14.69
N PHE A 58 -8.09 7.88 15.70
CA PHE A 58 -9.22 6.99 15.50
C PHE A 58 -10.23 7.60 14.53
N LYS A 59 -10.66 8.83 14.81
CA LYS A 59 -11.65 9.50 13.97
C LYS A 59 -11.12 9.70 12.56
N ASN A 60 -9.84 10.02 12.45
CA ASN A 60 -9.27 10.22 11.13
C ASN A 60 -9.16 8.91 10.37
N GLU A 61 -8.83 7.83 11.05
CA GLU A 61 -8.74 6.58 10.33
C GLU A 61 -10.13 6.09 9.93
N VAL A 62 -11.09 6.22 10.83
CA VAL A 62 -12.45 5.83 10.51
C VAL A 62 -12.99 6.72 9.40
N GLY A 63 -12.70 8.02 9.49
CA GLY A 63 -13.13 8.97 8.49
C GLY A 63 -12.76 8.58 7.07
N VAL A 64 -11.55 8.06 6.88
CA VAL A 64 -11.10 7.71 5.54
C VAL A 64 -11.63 6.35 5.11
N LEU A 65 -11.58 5.38 6.02
CA LEU A 65 -12.11 4.05 5.72
C LEU A 65 -13.58 4.07 5.27
N ARG A 66 -14.42 4.89 5.92
CA ARG A 66 -15.84 5.03 5.55
C ARG A 66 -16.01 5.54 4.14
N LYS A 67 -15.03 6.28 3.67
CA LYS A 67 -15.10 6.88 2.34
C LYS A 67 -14.90 5.85 1.22
N THR A 68 -14.61 4.60 1.57
CA THR A 68 -14.19 3.62 0.56
C THR A 68 -15.07 2.37 0.39
N ARG A 69 -15.44 2.10 -0.87
CA ARG A 69 -16.16 0.88 -1.25
C ARG A 69 -15.61 0.38 -2.58
N HIS A 70 -14.57 -0.44 -2.53
CA HIS A 70 -13.90 -0.91 -3.73
C HIS A 70 -13.18 -2.22 -3.41
N VAL A 71 -13.35 -3.19 -4.29
CA VAL A 71 -12.81 -4.53 -4.15
C VAL A 71 -11.28 -4.62 -3.87
N ASN A 72 -10.51 -3.60 -4.27
CA ASN A 72 -9.06 -3.62 -4.07
C ASN A 72 -8.64 -2.74 -2.90
N ILE A 73 -9.61 -2.31 -2.10
CA ILE A 73 -9.34 -1.63 -0.83
C ILE A 73 -9.84 -2.47 0.37
N LEU A 74 -9.02 -2.59 1.42
CA LEU A 74 -9.42 -3.32 2.62
C LEU A 74 -10.82 -2.86 3.07
N LEU A 75 -11.74 -3.80 3.23
CA LEU A 75 -13.12 -3.46 3.50
C LEU A 75 -13.34 -3.00 4.92
N PHE A 76 -13.75 -1.74 5.06
CA PHE A 76 -14.15 -1.23 6.38
C PHE A 76 -15.52 -1.79 6.74
N MET A 77 -15.66 -2.25 7.99
CA MET A 77 -16.94 -2.82 8.46
C MET A 77 -17.59 -2.07 9.64
N GLY A 78 -16.80 -1.51 10.56
CA GLY A 78 -17.36 -0.75 11.67
C GLY A 78 -16.38 -0.28 12.72
N TYR A 79 -16.91 0.35 13.77
CA TYR A 79 -16.11 0.85 14.89
C TYR A 79 -16.85 0.74 16.21
N SER A 80 -16.10 0.86 17.30
CA SER A 80 -16.60 0.70 18.66
C SER A 80 -15.94 1.76 19.50
N THR A 81 -16.70 2.35 20.41
CA THR A 81 -16.15 3.37 21.29
C THR A 81 -16.16 2.86 22.73
N LYS A 82 -17.06 1.92 22.99
CA LYS A 82 -17.09 1.22 24.26
C LYS A 82 -16.78 -0.25 24.00
N PRO A 83 -15.95 -0.86 24.87
CA PRO A 83 -15.26 -0.17 25.96
C PRO A 83 -13.91 0.42 25.49
N GLN A 84 -13.58 0.18 24.23
CA GLN A 84 -12.35 0.67 23.63
C GLN A 84 -12.61 1.34 22.29
N LEU A 85 -11.66 2.15 21.84
CA LEU A 85 -11.66 2.62 20.46
C LEU A 85 -11.20 1.46 19.58
N ALA A 86 -12.11 0.89 18.79
CA ALA A 86 -11.79 -0.20 17.87
C ALA A 86 -12.25 0.06 16.43
N ILE A 87 -11.41 -0.29 15.46
CA ILE A 87 -11.78 -0.21 14.05
C ILE A 87 -11.90 -1.62 13.50
N VAL A 88 -13.02 -1.91 12.84
CA VAL A 88 -13.28 -3.26 12.37
C VAL A 88 -13.27 -3.31 10.83
N THR A 89 -12.37 -4.12 10.29
CA THR A 89 -12.25 -4.34 8.86
C THR A 89 -12.52 -5.81 8.61
N GLN A 90 -12.66 -6.19 7.34
CA GLN A 90 -12.67 -7.59 6.96
C GLN A 90 -11.38 -8.28 7.41
N TRP A 91 -11.38 -9.59 7.33
CA TRP A 91 -10.18 -10.34 7.63
C TRP A 91 -9.58 -10.80 6.32
N CYS A 92 -8.29 -10.62 6.11
CA CYS A 92 -7.67 -11.16 4.91
C CYS A 92 -6.78 -12.35 5.28
N GLU A 93 -6.87 -13.40 4.46
CA GLU A 93 -6.01 -14.55 4.58
C GLU A 93 -4.82 -14.41 3.62
N GLY A 94 -3.65 -14.84 4.05
CA GLY A 94 -2.47 -14.78 3.23
C GLY A 94 -1.44 -13.80 3.77
N SER A 95 -0.65 -13.20 2.89
CA SER A 95 0.43 -12.31 3.34
C SER A 95 0.63 -11.11 2.44
N SER A 96 1.41 -10.15 2.92
CA SER A 96 1.69 -8.90 2.18
C SER A 96 2.41 -9.18 0.87
N LEU A 97 2.27 -8.30 -0.11
CA LEU A 97 3.04 -8.44 -1.34
C LEU A 97 4.54 -8.47 -0.99
N TYR A 98 4.93 -7.62 -0.06
CA TYR A 98 6.30 -7.56 0.43
C TYR A 98 6.81 -8.94 0.80
N HIS A 99 6.10 -9.61 1.70
CA HIS A 99 6.48 -10.94 2.11
C HIS A 99 6.57 -11.92 0.92
N HIS A 100 5.70 -11.78 -0.07
CA HIS A 100 5.71 -12.66 -1.24
C HIS A 100 6.96 -12.45 -2.06
N LEU A 101 7.28 -11.18 -2.31
CA LEU A 101 8.41 -10.82 -3.18
C LEU A 101 9.78 -11.03 -2.56
N HIS A 102 9.93 -10.74 -1.26
CA HIS A 102 11.27 -10.56 -0.68
C HIS A 102 11.62 -11.60 0.38
N ALA A 103 10.61 -12.28 0.92
CA ALA A 103 10.81 -13.25 1.99
C ALA A 103 10.56 -14.68 1.52
N SER A 104 9.86 -14.83 0.41
CA SER A 104 9.57 -16.16 -0.09
C SER A 104 10.13 -16.38 -1.49
N GLU A 105 10.77 -17.52 -1.68
CA GLU A 105 11.32 -17.93 -2.97
C GLU A 105 10.25 -17.93 -4.06
N THR A 106 9.01 -17.60 -3.69
CA THR A 106 7.90 -17.41 -4.62
C THR A 106 8.31 -16.45 -5.72
N LYS A 107 8.46 -17.01 -6.92
CA LYS A 107 8.69 -16.20 -8.09
C LYS A 107 7.41 -16.21 -8.92
N PHE A 108 6.70 -15.08 -8.93
CA PHE A 108 5.45 -14.93 -9.66
C PHE A 108 5.70 -15.00 -11.18
N GLU A 109 4.70 -15.40 -11.94
CA GLU A 109 4.78 -15.22 -13.38
C GLU A 109 4.46 -13.78 -13.79
N MET A 110 5.03 -13.34 -14.92
CA MET A 110 4.90 -11.95 -15.40
C MET A 110 3.44 -11.54 -15.54
N LYS A 111 2.62 -12.43 -16.08
CA LYS A 111 1.18 -12.23 -16.13
C LYS A 111 0.58 -11.95 -14.74
N LYS A 112 1.00 -12.74 -13.74
CA LYS A 112 0.54 -12.54 -12.36
C LYS A 112 1.08 -11.20 -11.80
N LEU A 113 2.33 -10.87 -12.14
CA LEU A 113 2.94 -9.63 -11.66
C LEU A 113 2.16 -8.41 -12.11
N ILE A 114 1.74 -8.46 -13.36
CA ILE A 114 1.06 -7.37 -14.02
C ILE A 114 -0.36 -7.26 -13.51
N ASP A 115 -0.97 -8.41 -13.26
CA ASP A 115 -2.28 -8.40 -12.66
C ASP A 115 -2.29 -7.74 -11.28
N ILE A 116 -1.24 -7.98 -10.49
CA ILE A 116 -1.06 -7.33 -9.19
C ILE A 116 -0.90 -5.81 -9.38
N ALA A 117 -0.13 -5.42 -10.39
CA ALA A 117 0.08 -4.01 -10.70
C ALA A 117 -1.21 -3.36 -11.10
N ARG A 118 -2.01 -4.10 -11.84
CA ARG A 118 -3.27 -3.60 -12.35
C ARG A 118 -4.27 -3.36 -11.24
N GLN A 119 -4.38 -4.33 -10.34
CA GLN A 119 -5.28 -4.21 -9.21
C GLN A 119 -4.82 -3.12 -8.24
N THR A 120 -3.52 -3.07 -7.95
CA THR A 120 -3.01 -1.99 -7.11
C THR A 120 -3.39 -0.65 -7.74
N ALA A 121 -3.17 -0.51 -9.05
CA ALA A 121 -3.51 0.72 -9.76
C ALA A 121 -5.01 1.04 -9.66
N ARG A 122 -5.87 0.04 -9.78
CA ARG A 122 -7.31 0.24 -9.60
C ARG A 122 -7.65 0.83 -8.22
N GLY A 123 -7.08 0.23 -7.18
CA GLY A 123 -7.26 0.71 -5.83
C GLY A 123 -6.79 2.15 -5.62
N MET A 124 -5.57 2.44 -6.07
CA MET A 124 -4.99 3.77 -5.95
C MET A 124 -5.73 4.82 -6.77
N ASP A 125 -6.12 4.42 -7.97
CA ASP A 125 -6.98 5.25 -8.81
C ASP A 125 -8.28 5.59 -8.09
N TYR A 126 -8.87 4.58 -7.45
CA TYR A 126 -10.10 4.80 -6.69
C TYR A 126 -9.91 5.81 -5.55
N LEU A 127 -8.91 5.55 -4.71
CA LEU A 127 -8.58 6.44 -3.58
C LEU A 127 -8.42 7.91 -4.00
N HIS A 128 -7.72 8.13 -5.11
CA HIS A 128 -7.55 9.48 -5.63
C HIS A 128 -8.87 10.06 -6.14
N ALA A 129 -9.69 9.22 -6.75
CA ALA A 129 -11.02 9.65 -7.17
C ALA A 129 -11.82 10.10 -5.96
N LYS A 130 -11.59 9.48 -4.81
CA LYS A 130 -12.25 9.91 -3.58
C LYS A 130 -11.51 11.01 -2.81
N SER A 131 -10.48 11.60 -3.42
CA SER A 131 -9.67 12.66 -2.78
C SER A 131 -8.99 12.11 -1.53
N ILE A 132 -8.39 10.95 -1.66
CA ILE A 132 -7.66 10.35 -0.57
C ILE A 132 -6.22 10.16 -1.00
N ILE A 133 -5.30 10.83 -0.35
CA ILE A 133 -3.89 10.50 -0.50
C ILE A 133 -3.54 9.41 0.51
N HIS A 134 -2.91 8.34 0.05
CA HIS A 134 -2.59 7.23 0.93
C HIS A 134 -1.53 7.59 1.95
N ARG A 135 -0.47 8.23 1.45
CA ARG A 135 0.68 8.70 2.24
C ARG A 135 1.70 7.62 2.60
N ASP A 136 1.31 6.36 2.58
CA ASP A 136 2.20 5.30 3.00
C ASP A 136 2.14 4.05 2.11
N LEU A 137 1.96 4.24 0.80
CA LEU A 137 1.94 3.09 -0.11
C LEU A 137 3.30 2.41 -0.22
N LYS A 138 3.29 1.09 -0.08
CA LYS A 138 4.49 0.26 -0.14
C LYS A 138 4.01 -1.19 -0.19
N SER A 139 4.90 -2.13 -0.51
CA SER A 139 4.45 -3.50 -0.69
C SER A 139 3.94 -4.14 0.60
N ASN A 140 4.35 -3.60 1.75
CA ASN A 140 3.89 -4.09 3.06
C ASN A 140 2.42 -3.80 3.27
N ASN A 141 1.88 -2.94 2.41
CA ASN A 141 0.52 -2.45 2.59
C ASN A 141 -0.42 -2.91 1.48
N ILE A 142 0.11 -3.75 0.60
CA ILE A 142 -0.69 -4.40 -0.42
C ILE A 142 -0.85 -5.84 -0.01
N PHE A 143 -2.04 -6.18 0.45
CA PHE A 143 -2.30 -7.52 0.91
C PHE A 143 -2.76 -8.40 -0.25
N LEU A 144 -2.19 -9.59 -0.35
CA LEU A 144 -2.65 -10.54 -1.36
C LEU A 144 -3.68 -11.49 -0.75
N HIS A 145 -4.89 -10.98 -0.67
CA HIS A 145 -5.97 -11.73 -0.07
C HIS A 145 -6.22 -13.01 -0.85
N GLU A 146 -6.01 -14.14 -0.20
CA GLU A 146 -6.18 -15.47 -0.80
C GLU A 146 -5.25 -15.72 -1.98
N ASP A 147 -4.10 -15.04 -1.96
CA ASP A 147 -3.08 -15.13 -3.01
C ASP A 147 -3.45 -14.44 -4.32
N ASN A 148 -4.69 -13.95 -4.43
CA ASN A 148 -5.21 -13.45 -5.71
C ASN A 148 -5.63 -11.98 -5.79
N THR A 149 -6.39 -11.52 -4.81
CA THR A 149 -6.93 -10.16 -4.80
C THR A 149 -6.11 -9.19 -3.94
N VAL A 150 -5.80 -8.03 -4.53
CA VAL A 150 -5.07 -6.99 -3.85
C VAL A 150 -6.00 -6.27 -2.90
N LYS A 151 -5.54 -6.10 -1.67
CA LYS A 151 -6.25 -5.28 -0.71
C LYS A 151 -5.28 -4.21 -0.23
N ILE A 152 -5.45 -3.01 -0.74
CA ILE A 152 -4.62 -1.92 -0.28
C ILE A 152 -5.22 -1.45 1.02
N GLY A 153 -4.38 -1.32 2.04
CA GLY A 153 -4.78 -0.70 3.29
C GLY A 153 -3.56 -0.04 3.91
N ASP A 154 -3.65 0.28 5.20
CA ASP A 154 -2.46 0.69 5.94
C ASP A 154 -2.27 -0.21 7.14
N PHE A 155 -1.37 -1.17 6.99
CA PHE A 155 -1.21 -2.22 7.97
C PHE A 155 -0.16 -1.86 9.00
N GLY A 156 0.44 -0.68 8.88
CA GLY A 156 1.46 -0.27 9.83
C GLY A 156 0.90 0.01 11.22
N LEU A 157 1.73 -0.15 12.25
CA LEU A 157 1.32 0.22 13.62
C LEU A 157 2.39 1.01 14.40
N SER A 176 10.36 3.29 6.28
CA SER A 176 9.53 3.36 5.08
C SER A 176 10.09 4.33 4.04
N ILE A 177 11.38 4.65 4.13
CA ILE A 177 11.95 5.65 3.22
C ILE A 177 12.02 5.20 1.76
N LEU A 178 12.26 3.91 1.55
CA LEU A 178 12.39 3.35 0.21
C LEU A 178 11.33 3.85 -0.83
N TRP A 179 10.11 4.11 -0.36
CA TRP A 179 9.01 4.52 -1.23
C TRP A 179 8.73 6.02 -1.22
N MET A 180 9.59 6.80 -0.58
CA MET A 180 9.34 8.23 -0.47
C MET A 180 9.81 8.99 -1.70
N ALA A 181 8.97 9.89 -2.20
CA ALA A 181 9.39 10.78 -3.26
C ALA A 181 10.46 11.75 -2.72
N PRO A 182 11.39 12.17 -3.59
CA PRO A 182 12.42 13.13 -3.21
C PRO A 182 11.85 14.33 -2.45
N GLU A 183 10.67 14.80 -2.86
CA GLU A 183 10.09 15.96 -2.21
C GLU A 183 9.55 15.60 -0.84
N VAL A 184 9.07 14.36 -0.66
CA VAL A 184 8.65 13.91 0.67
C VAL A 184 9.85 13.77 1.60
N ILE A 185 10.91 13.12 1.11
CA ILE A 185 12.16 13.06 1.84
C ILE A 185 12.61 14.43 2.37
N ARG A 186 12.54 15.46 1.53
CA ARG A 186 13.02 16.80 1.89
C ARG A 186 12.22 17.61 2.93
N MET A 187 10.94 17.30 3.11
CA MET A 187 10.11 17.99 4.11
C MET A 187 10.11 19.54 4.01
N ASN A 191 2.56 21.21 1.90
CA ASN A 191 2.69 19.80 2.27
C ASN A 191 3.36 18.99 1.17
N PRO A 192 4.29 18.11 1.56
CA PRO A 192 5.05 17.28 0.60
C PRO A 192 4.23 16.14 0.01
N TYR A 193 3.16 15.74 0.68
CA TYR A 193 2.33 14.61 0.26
C TYR A 193 1.25 15.01 -0.76
N SER A 194 1.27 14.34 -1.91
CA SER A 194 0.32 14.63 -2.98
C SER A 194 -0.19 13.35 -3.63
N PHE A 195 -1.08 13.49 -4.61
CA PHE A 195 -1.41 12.38 -5.49
C PHE A 195 -0.13 11.88 -6.19
N GLN A 196 0.78 12.82 -6.47
CA GLN A 196 2.00 12.47 -7.19
C GLN A 196 3.09 11.80 -6.35
N SER A 197 3.16 12.11 -5.06
CA SER A 197 4.02 11.35 -4.15
C SER A 197 3.53 9.90 -4.01
N ASP A 198 2.21 9.70 -4.00
CA ASP A 198 1.62 8.37 -4.11
C ASP A 198 2.04 7.65 -5.41
N VAL A 199 1.94 8.37 -6.53
CA VAL A 199 2.40 7.85 -7.79
C VAL A 199 3.84 7.32 -7.67
N TYR A 200 4.74 8.08 -7.07
CA TYR A 200 6.13 7.65 -6.93
C TYR A 200 6.24 6.36 -6.13
N ALA A 201 5.65 6.32 -4.94
CA ALA A 201 5.66 5.10 -4.14
C ALA A 201 5.24 3.90 -4.99
N PHE A 202 4.21 4.11 -5.81
CA PHE A 202 3.70 3.07 -6.69
C PHE A 202 4.73 2.64 -7.72
N GLY A 203 5.49 3.61 -8.24
CA GLY A 203 6.62 3.33 -9.12
C GLY A 203 7.64 2.45 -8.41
N ILE A 204 7.82 2.67 -7.12
CA ILE A 204 8.73 1.85 -6.34
C ILE A 204 8.15 0.42 -6.14
N VAL A 205 6.82 0.34 -5.94
CA VAL A 205 6.14 -0.96 -5.96
C VAL A 205 6.33 -1.66 -7.31
N LEU A 206 6.18 -0.92 -8.40
CA LEU A 206 6.42 -1.47 -9.72
C LEU A 206 7.81 -2.07 -9.82
N TYR A 207 8.79 -1.31 -9.30
CA TYR A 207 10.17 -1.75 -9.29
C TYR A 207 10.32 -3.10 -8.58
N GLU A 208 9.67 -3.25 -7.43
CA GLU A 208 9.76 -4.50 -6.67
C GLU A 208 9.14 -5.66 -7.46
N LEU A 209 7.96 -5.41 -8.03
CA LEU A 209 7.30 -6.41 -8.86
C LEU A 209 8.20 -6.84 -10.02
N MET A 210 8.76 -5.85 -10.73
CA MET A 210 9.57 -6.12 -11.92
C MET A 210 11.00 -6.61 -11.70
N THR A 211 11.54 -6.40 -10.51
CA THR A 211 12.90 -6.87 -10.22
C THR A 211 12.92 -7.92 -9.13
N GLY A 212 11.86 -7.97 -8.33
CA GLY A 212 11.82 -8.86 -7.18
C GLY A 212 12.59 -8.32 -5.99
N GLN A 213 13.38 -7.29 -6.22
CA GLN A 213 14.25 -6.74 -5.20
C GLN A 213 13.66 -5.45 -4.67
N LEU A 214 14.31 -4.91 -3.63
CA LEU A 214 14.03 -3.58 -3.15
C LEU A 214 15.08 -2.66 -3.75
N PRO A 215 14.74 -1.39 -3.98
CA PRO A 215 15.75 -0.44 -4.47
C PRO A 215 16.85 -0.22 -3.45
N TYR A 216 18.04 0.18 -3.94
CA TYR A 216 19.17 0.62 -3.13
C TYR A 216 19.68 -0.48 -2.23
N SER A 217 19.47 -1.72 -2.63
CA SER A 217 19.87 -2.87 -1.82
C SER A 217 21.37 -2.81 -1.54
N ASN A 218 22.10 -2.18 -2.45
CA ASN A 218 23.54 -2.02 -2.30
C ASN A 218 24.00 -0.89 -1.36
N ILE A 219 23.08 -0.05 -0.90
CA ILE A 219 23.45 0.97 0.07
C ILE A 219 23.17 0.52 1.50
N ASN A 220 24.23 0.22 2.24
CA ASN A 220 24.13 -0.33 3.59
C ASN A 220 23.56 0.64 4.61
N ASN A 221 23.39 1.89 4.20
CA ASN A 221 23.16 2.99 5.11
C ASN A 221 21.85 3.69 4.80
N ARG A 222 20.93 3.66 5.76
CA ARG A 222 19.63 4.30 5.58
C ARG A 222 19.82 5.81 5.49
N ASP A 223 20.69 6.36 6.32
CA ASP A 223 20.96 7.79 6.29
C ASP A 223 21.47 8.25 4.92
N GLN A 224 22.26 7.41 4.26
CA GLN A 224 22.79 7.77 2.95
C GLN A 224 21.67 7.86 1.91
N ILE A 225 20.77 6.88 1.94
CA ILE A 225 19.61 6.85 1.06
C ILE A 225 18.77 8.12 1.17
N ILE A 226 18.57 8.59 2.39
CA ILE A 226 17.78 9.79 2.65
C ILE A 226 18.40 11.06 2.06
N GLU A 227 19.72 11.21 2.23
CA GLU A 227 20.46 12.36 1.72
C GLU A 227 20.52 12.40 0.18
N MET A 228 21.01 11.31 -0.40
CA MET A 228 21.12 11.17 -1.85
C MET A 228 19.77 11.19 -2.61
N VAL A 229 18.75 10.49 -2.11
CA VAL A 229 17.45 10.55 -2.80
C VAL A 229 16.87 11.97 -2.71
N GLY A 230 16.96 12.55 -1.53
CA GLY A 230 16.58 13.94 -1.36
C GLY A 230 17.35 14.89 -2.25
N ARG A 231 18.68 14.84 -2.18
CA ARG A 231 19.51 15.78 -2.94
C ARG A 231 19.38 15.64 -4.46
N GLY A 232 18.81 14.53 -4.92
CA GLY A 232 18.66 14.25 -6.34
C GLY A 232 19.72 13.26 -6.81
N SER A 233 20.74 13.09 -5.99
CA SER A 233 21.88 12.24 -6.32
C SER A 233 21.56 10.77 -6.60
N LEU A 234 20.46 10.26 -6.07
CA LEU A 234 20.18 8.82 -6.10
C LEU A 234 18.78 8.47 -6.55
N SER A 235 18.70 7.36 -7.28
CA SER A 235 17.48 6.92 -7.91
C SER A 235 17.70 5.46 -8.28
N PRO A 236 16.61 4.68 -8.34
CA PRO A 236 16.73 3.22 -8.52
C PRO A 236 17.39 2.79 -9.82
N ASP A 237 18.15 1.69 -9.79
CA ASP A 237 18.75 1.14 -11.00
C ASP A 237 17.76 0.27 -11.77
N LEU A 238 17.12 0.87 -12.77
CA LEU A 238 16.11 0.18 -13.56
C LEU A 238 16.65 -0.98 -14.40
N SER A 239 17.96 -1.15 -14.45
CA SER A 239 18.53 -2.22 -15.26
C SER A 239 18.37 -3.56 -14.56
N LYS A 240 18.04 -3.48 -13.27
CA LYS A 240 17.85 -4.67 -12.45
C LYS A 240 16.55 -5.45 -12.77
N VAL A 241 15.82 -5.05 -13.82
CA VAL A 241 14.52 -5.69 -14.11
C VAL A 241 14.66 -7.01 -14.85
N ARG A 242 13.66 -7.88 -14.68
CA ARG A 242 13.59 -9.14 -15.38
C ARG A 242 13.73 -8.86 -16.87
N SER A 243 14.32 -9.82 -17.58
CA SER A 243 14.50 -9.70 -19.01
C SER A 243 13.16 -9.78 -19.75
N ASN A 244 12.15 -10.37 -19.13
CA ASN A 244 10.85 -10.52 -19.77
C ASN A 244 9.90 -9.40 -19.38
N CYS A 245 10.43 -8.42 -18.65
CA CYS A 245 9.70 -7.20 -18.32
C CYS A 245 9.28 -6.48 -19.61
N PRO A 246 8.00 -6.12 -19.73
CA PRO A 246 7.48 -5.45 -20.93
C PRO A 246 8.02 -4.03 -21.10
N LYS A 247 8.28 -3.62 -22.34
CA LYS A 247 8.79 -2.27 -22.64
C LYS A 247 7.90 -1.17 -22.07
N ARG A 248 6.59 -1.29 -22.28
CA ARG A 248 5.62 -0.34 -21.73
C ARG A 248 5.75 -0.20 -20.21
N MET A 249 6.12 -1.27 -19.53
CA MET A 249 6.22 -1.26 -18.08
C MET A 249 7.50 -0.57 -17.58
N LYS A 250 8.63 -0.86 -18.20
CA LYS A 250 9.85 -0.15 -17.86
C LYS A 250 9.63 1.35 -18.12
N ARG A 251 9.06 1.69 -19.28
CA ARG A 251 8.69 3.08 -19.54
C ARG A 251 7.87 3.68 -18.38
N LEU A 252 6.71 3.07 -18.10
CA LEU A 252 5.81 3.52 -17.03
C LEU A 252 6.51 3.74 -15.70
N MET A 253 7.20 2.72 -15.23
CA MET A 253 7.93 2.74 -13.97
C MET A 253 8.78 4.01 -13.90
N ALA A 254 9.58 4.24 -14.94
CA ALA A 254 10.49 5.37 -14.99
C ALA A 254 9.74 6.71 -14.96
N GLU A 255 8.58 6.76 -15.62
CA GLU A 255 7.68 7.92 -15.56
C GLU A 255 7.09 8.16 -14.17
N CYS A 256 6.78 7.09 -13.44
CA CYS A 256 6.29 7.22 -12.07
C CYS A 256 7.39 7.73 -11.13
N LEU A 257 8.63 7.43 -11.47
CA LEU A 257 9.77 7.76 -10.60
C LEU A 257 10.47 9.10 -10.89
N LYS A 258 9.84 9.99 -11.66
CA LYS A 258 10.48 11.26 -12.02
C LYS A 258 10.66 12.16 -10.81
N LYS A 259 11.82 12.79 -10.71
CA LYS A 259 12.13 13.62 -9.54
C LYS A 259 11.17 14.78 -9.40
N LYS A 260 10.91 15.47 -10.51
CA LYS A 260 9.91 16.53 -10.54
C LYS A 260 8.49 15.95 -10.56
N ARG A 261 7.79 16.08 -9.44
CA ARG A 261 6.51 15.41 -9.24
C ARG A 261 5.46 15.77 -10.29
N ASP A 262 5.68 16.86 -11.00
CA ASP A 262 4.71 17.29 -11.99
C ASP A 262 4.91 16.62 -13.33
N GLU A 263 6.04 15.95 -13.47
CA GLU A 263 6.29 15.14 -14.65
C GLU A 263 5.68 13.73 -14.53
N ARG A 264 5.39 13.30 -13.30
CA ARG A 264 4.82 11.98 -13.05
C ARG A 264 3.38 11.93 -13.56
N PRO A 265 2.95 10.75 -14.05
CA PRO A 265 1.60 10.62 -14.60
C PRO A 265 0.61 10.40 -13.47
N SER A 266 -0.65 10.64 -13.79
CA SER A 266 -1.73 10.39 -12.87
C SER A 266 -2.16 8.94 -12.95
N PHE A 267 -2.91 8.48 -11.95
CA PHE A 267 -3.38 7.10 -11.94
C PHE A 267 -4.37 6.68 -13.03
N PRO A 268 -5.24 7.59 -13.49
CA PRO A 268 -6.02 7.20 -14.67
C PRO A 268 -5.14 6.81 -15.89
N ARG A 269 -4.09 7.57 -16.16
CA ARG A 269 -3.16 7.21 -17.24
C ARG A 269 -2.45 5.90 -16.95
N ILE A 270 -1.91 5.81 -15.74
CA ILE A 270 -1.21 4.62 -15.28
C ILE A 270 -2.09 3.39 -15.43
N LEU A 271 -3.31 3.49 -14.93
CA LEU A 271 -4.26 2.39 -14.98
C LEU A 271 -4.54 1.98 -16.42
N ALA A 272 -4.63 2.98 -17.29
CA ALA A 272 -4.91 2.73 -18.70
C ALA A 272 -3.74 2.08 -19.42
N GLU A 273 -2.52 2.50 -19.11
CA GLU A 273 -1.36 1.89 -19.74
C GLU A 273 -1.20 0.45 -19.28
N ILE A 274 -1.45 0.20 -17.99
CA ILE A 274 -1.35 -1.16 -17.45
C ILE A 274 -2.48 -2.01 -18.02
N GLU A 275 -3.66 -1.43 -18.10
CA GLU A 275 -4.82 -2.21 -18.50
C GLU A 275 -4.64 -2.59 -19.96
N GLU A 276 -4.02 -1.69 -20.73
CA GLU A 276 -3.62 -1.98 -22.10
C GLU A 276 -2.56 -3.07 -22.12
N LEU A 277 -1.53 -2.90 -21.33
CA LEU A 277 -0.46 -3.88 -21.24
C LEU A 277 -0.95 -5.29 -20.87
N ALA A 278 -1.95 -5.38 -20.02
CA ALA A 278 -2.44 -6.69 -19.62
C ALA A 278 -3.25 -7.34 -20.72
N ARG A 279 -3.69 -6.55 -21.69
CA ARG A 279 -4.36 -7.12 -22.86
C ARG A 279 -3.36 -7.80 -23.80
N GLU A 280 -2.15 -8.03 -23.29
CA GLU A 280 -1.23 -9.03 -23.81
C GLU A 280 -1.73 -10.43 -23.41
N LEU A 281 -2.87 -10.48 -22.70
CA LEU A 281 -3.50 -11.72 -22.23
C LEU A 281 -2.53 -12.73 -21.64
C1 BAX B . -6.71 2.22 5.29
C2 BAX B . -6.33 2.63 6.56
C3 BAX B . -5.84 3.92 6.75
C4 BAX B . -5.74 4.77 5.68
C13 BAX B . -6.24 0.47 7.64
C16 BAX B . -6.24 -1.53 9.11
C17 BAX B . -5.36 -2.31 8.36
C18 BAX B . -5.18 -3.65 8.68
C19 BAX B . -5.85 -4.19 9.76
C20 BAX B . -6.70 -3.40 10.52
C21 BAX B . -6.90 -2.08 10.20
O22 BAX B . -5.66 -5.50 10.11
C24 BAX B . -6.91 -6.64 8.37
C25 BAX B . -7.05 -7.79 7.58
C27 BAX B . -5.19 -8.75 8.55
C28 BAX B . -5.00 -7.64 9.37
N30 BAX B . -4.26 -10.94 7.92
C31 BAX B . -3.19 -11.92 8.09
C5 BAX B . -6.13 4.32 4.42
C6 BAX B . -6.61 3.05 4.21
C7 BAX B . -7.03 2.59 2.83
F8 BAX B . -7.48 1.28 2.86
F9 BAX B . -8.15 3.35 2.47
F10 BAX B . -5.96 2.68 1.92
CL11 BAX B . -5.97 5.36 3.07
N12 BAX B . -6.46 1.80 7.66
N14 BAX B . -6.43 -0.17 8.82
O15 BAX B . -5.90 -0.10 6.62
C23 BAX B . -5.86 -6.56 9.28
N26 BAX B . -6.19 -8.79 7.68
C29 BAX B . -4.20 -9.83 8.65
O32 BAX B . -3.26 -9.69 9.40
#